data_6U25
#
_entry.id   6U25
#
_cell.length_a   61.656
_cell.length_b   61.656
_cell.length_c   158.271
_cell.angle_alpha   90.00
_cell.angle_beta   90.00
_cell.angle_gamma   90.00
#
_symmetry.space_group_name_H-M   'P 41 21 2'
#
loop_
_entity.id
_entity.type
_entity.pdbx_description
1 polymer 'NUCLEAR RECEPTOR COACTIVATOR 1 CHIMERA'
2 non-polymer 'trans-4-[(3aR,9bR)-9b-[(4-fluorophenyl)sulfonyl]-7-(1,1,1,2,3,3,3-heptafluoropropan-2-yl)-1,2,3a,4,5,9b-hexahydro-3H-benzo[e]indole-3-carbonyl]cyclohexane-1-carboxylic acid'
3 non-polymer GLYCEROL
4 water water
#
_entity_poly.entity_id   1
_entity_poly.type   'polypeptide(L)'
_entity_poly.pdbx_seq_one_letter_code
;MGSSHHHHHHSSGLVPRGSHMASLTEIEHLVQSVCKSYRETCQLRLEDLLRQRSNIFSREEVTGYQRKSMWEMWERCAHH
LTEAIQYVVEFAKRLSGFMELCQNDQIVLLKAGAMEVVLVRMCRAYNADNRTVFFEGKYGGMELFRALGCSELISSIFDF
SHSLSALHFSEDEIALYTALVLINAHRPGLQEKRKVEQLQYNLELAFHHHLCKTHRQSILAKLPPKGKLRSLCSQHVERL
QIFQHLHPIVVQAAFPPLYKELFSTSGGSGGLTERHKILHRLLQE
;
_entity_poly.pdbx_strand_id   A
#
loop_
_chem_comp.id
_chem_comp.type
_chem_comp.name
_chem_comp.formula
GOL non-polymer GLYCEROL 'C3 H8 O3'
O5B non-polymer 'trans-4-[(3aR,9bR)-9b-[(4-fluorophenyl)sulfonyl]-7-(1,1,1,2,3,3,3-heptafluoropropan-2-yl)-1,2,3a,4,5,9b-hexahydro-3H-benzo[e]indole-3-carbonyl]cyclohexane-1-carboxylic acid' 'C29 H27 F8 N O5 S'
#
# COMPACT_ATOMS: atom_id res chain seq x y z
N MET A 21 4.77 1.33 30.35
CA MET A 21 5.52 1.77 29.18
C MET A 21 4.67 2.65 28.23
N ALA A 22 5.03 3.95 28.15
CA ALA A 22 4.39 5.05 27.38
C ALA A 22 3.13 5.59 28.07
N SER A 23 3.20 6.86 28.55
CA SER A 23 2.12 7.59 29.22
C SER A 23 1.22 8.28 28.18
N LEU A 24 0.26 9.10 28.65
CA LEU A 24 -0.70 9.83 27.82
C LEU A 24 -0.05 10.82 26.86
N THR A 25 0.93 11.61 27.34
CA THR A 25 1.62 12.60 26.50
C THR A 25 2.51 11.91 25.43
N GLU A 26 3.09 10.74 25.75
CA GLU A 26 3.94 9.98 24.82
C GLU A 26 3.16 9.35 23.67
N ILE A 27 1.88 9.00 23.93
CA ILE A 27 0.94 8.46 22.94
C ILE A 27 0.56 9.57 21.97
N GLU A 28 0.23 10.79 22.47
CA GLU A 28 -0.11 11.94 21.62
C GLU A 28 1.10 12.38 20.76
N HIS A 29 2.33 12.14 21.25
CA HIS A 29 3.56 12.46 20.52
C HIS A 29 3.80 11.45 19.41
N LEU A 30 3.48 10.17 19.69
CA LEU A 30 3.59 9.07 18.73
C LEU A 30 2.58 9.32 17.59
N VAL A 31 1.32 9.71 17.95
CA VAL A 31 0.22 10.04 17.01
C VAL A 31 0.76 11.07 16.02
N GLN A 32 1.28 12.19 16.54
CA GLN A 32 1.79 13.27 15.72
C GLN A 32 3.03 12.89 14.92
N SER A 33 3.91 12.05 15.49
CA SER A 33 5.10 11.62 14.74
C SER A 33 4.70 10.70 13.56
N VAL A 34 3.72 9.79 13.76
CA VAL A 34 3.21 8.88 12.73
C VAL A 34 2.49 9.67 11.63
N CYS A 35 1.64 10.67 12.01
CA CYS A 35 0.93 11.52 11.05
C CYS A 35 1.92 12.35 10.20
N LYS A 36 3.01 12.85 10.82
CA LYS A 36 4.07 13.60 10.12
C LYS A 36 4.81 12.68 9.12
N SER A 37 5.33 11.51 9.60
CA SER A 37 6.05 10.50 8.82
C SER A 37 5.27 10.07 7.59
N TYR A 38 3.94 9.94 7.74
CA TYR A 38 3.08 9.56 6.62
C TYR A 38 2.94 10.69 5.57
N ARG A 39 2.64 11.95 5.98
CA ARG A 39 2.50 13.11 5.05
C ARG A 39 3.79 13.34 4.19
N GLU A 40 4.95 13.09 4.81
CA GLU A 40 6.27 13.24 4.22
C GLU A 40 6.58 12.15 3.20
N THR A 41 5.85 11.03 3.22
CA THR A 41 6.16 9.86 2.40
C THR A 41 5.02 9.37 1.52
N CYS A 42 3.95 10.14 1.38
CA CYS A 42 2.90 9.70 0.46
C CYS A 42 3.31 10.23 -0.92
N GLN A 43 3.34 9.33 -1.91
CA GLN A 43 3.75 9.59 -3.29
C GLN A 43 2.94 10.76 -3.94
N LEU A 44 1.62 10.73 -3.77
CA LEU A 44 0.74 11.76 -4.32
C LEU A 44 0.02 12.47 -3.21
N ARG A 45 -0.05 13.81 -3.34
CA ARG A 45 -0.77 14.70 -2.42
C ARG A 45 -2.27 14.47 -2.60
N LEU A 46 -3.05 14.42 -1.50
CA LEU A 46 -4.49 14.22 -1.61
C LEU A 46 -5.15 15.41 -2.35
N GLU A 47 -4.63 16.65 -2.10
CA GLU A 47 -5.08 17.90 -2.72
C GLU A 47 -4.98 17.77 -4.25
N ASP A 48 -3.79 17.37 -4.73
CA ASP A 48 -3.48 17.14 -6.15
C ASP A 48 -4.40 16.08 -6.76
N LEU A 49 -4.62 14.95 -6.04
CA LEU A 49 -5.47 13.84 -6.49
C LEU A 49 -6.89 14.29 -6.67
N LEU A 50 -7.38 15.09 -5.71
CA LEU A 50 -8.74 15.64 -5.72
C LEU A 50 -8.95 16.69 -6.80
N ARG A 51 -7.95 17.57 -7.02
CA ARG A 51 -7.99 18.63 -8.05
C ARG A 51 -7.83 18.08 -9.48
N GLN A 52 -7.91 16.73 -9.64
CA GLN A 52 -7.73 16.02 -10.93
C GLN A 52 -8.89 15.10 -11.29
N ARG A 53 -9.85 14.86 -10.37
CA ARG A 53 -10.98 13.92 -10.54
C ARG A 53 -11.76 14.04 -11.84
N SER A 54 -11.68 15.22 -12.51
CA SER A 54 -12.35 15.55 -13.78
C SER A 54 -11.55 15.16 -15.02
N ASN A 55 -10.19 15.05 -14.89
CA ASN A 55 -9.28 14.62 -15.96
C ASN A 55 -9.43 13.09 -16.14
N ILE A 56 -10.50 12.66 -16.84
CA ILE A 56 -10.89 11.28 -17.12
C ILE A 56 -10.44 10.86 -18.53
N PHE A 57 -9.84 9.66 -18.66
CA PHE A 57 -9.40 9.09 -19.95
C PHE A 57 -10.58 8.96 -20.92
N SER A 58 -10.40 9.39 -22.18
CA SER A 58 -11.43 9.31 -23.22
C SER A 58 -11.61 7.86 -23.67
N ARG A 59 -12.81 7.50 -24.20
CA ARG A 59 -13.14 6.15 -24.70
C ARG A 59 -12.04 5.59 -25.65
N GLU A 60 -11.39 6.50 -26.42
CA GLU A 60 -10.31 6.26 -27.36
C GLU A 60 -9.03 5.89 -26.63
N GLU A 61 -8.65 6.69 -25.59
CA GLU A 61 -7.46 6.44 -24.75
C GLU A 61 -7.59 5.10 -24.02
N VAL A 62 -8.82 4.79 -23.55
CA VAL A 62 -9.17 3.54 -22.86
C VAL A 62 -8.98 2.36 -23.84
N THR A 63 -9.42 2.54 -25.11
CA THR A 63 -9.24 1.54 -26.19
C THR A 63 -7.72 1.35 -26.50
N GLY A 64 -6.97 2.45 -26.42
CA GLY A 64 -5.52 2.45 -26.58
C GLY A 64 -4.85 1.57 -25.55
N TYR A 65 -5.27 1.71 -24.24
CA TYR A 65 -4.73 0.90 -23.13
C TYR A 65 -5.11 -0.57 -23.31
N GLN A 66 -6.37 -0.79 -23.73
CA GLN A 66 -6.97 -2.11 -23.97
C GLN A 66 -6.27 -2.87 -25.08
N ARG A 67 -5.77 -2.14 -26.10
CA ARG A 67 -5.06 -2.67 -27.26
C ARG A 67 -3.57 -2.90 -27.03
N LYS A 68 -2.96 -2.26 -26.01
CA LYS A 68 -1.54 -2.49 -25.66
C LYS A 68 -1.32 -3.99 -25.30
N SER A 69 -0.14 -4.54 -25.60
CA SER A 69 0.13 -5.95 -25.28
C SER A 69 0.18 -6.21 -23.77
N MET A 70 -0.09 -7.45 -23.37
CA MET A 70 -0.10 -7.89 -21.99
C MET A 70 1.22 -7.60 -21.27
N TRP A 71 2.36 -7.86 -21.93
CA TRP A 71 3.67 -7.64 -21.33
C TRP A 71 3.93 -6.14 -21.14
N GLU A 72 3.51 -5.29 -22.12
CA GLU A 72 3.63 -3.83 -22.01
C GLU A 72 2.86 -3.32 -20.77
N MET A 73 1.59 -3.74 -20.61
CA MET A 73 0.75 -3.36 -19.48
C MET A 73 1.32 -3.80 -18.14
N TRP A 74 1.79 -5.06 -18.05
CA TRP A 74 2.41 -5.67 -16.88
C TRP A 74 3.65 -4.92 -16.41
N GLU A 75 4.46 -4.47 -17.36
CA GLU A 75 5.68 -3.73 -17.12
C GLU A 75 5.40 -2.33 -16.58
N ARG A 76 4.42 -1.62 -17.19
CA ARG A 76 3.96 -0.29 -16.76
C ARG A 76 3.43 -0.36 -15.33
N CYS A 77 2.60 -1.35 -15.03
CA CYS A 77 2.01 -1.52 -13.72
C CYS A 77 3.01 -1.91 -12.66
N ALA A 78 3.94 -2.87 -12.98
CA ALA A 78 5.00 -3.26 -12.05
C ALA A 78 5.91 -2.05 -11.76
N HIS A 79 6.17 -1.20 -12.77
CA HIS A 79 6.94 0.04 -12.62
C HIS A 79 6.20 1.01 -11.68
N HIS A 80 4.87 1.15 -11.82
CA HIS A 80 4.06 2.02 -10.97
C HIS A 80 3.96 1.52 -9.55
N LEU A 81 3.85 0.18 -9.37
CA LEU A 81 3.81 -0.46 -8.05
C LEU A 81 5.14 -0.26 -7.32
N THR A 82 6.27 -0.32 -8.06
CA THR A 82 7.61 -0.17 -7.52
C THR A 82 7.78 1.23 -6.96
N GLU A 83 7.39 2.27 -7.71
CA GLU A 83 7.47 3.67 -7.27
C GLU A 83 6.74 3.85 -5.93
N ALA A 84 5.53 3.29 -5.78
CA ALA A 84 4.71 3.36 -4.57
C ALA A 84 5.39 2.66 -3.36
N ILE A 85 5.82 1.39 -3.52
CA ILE A 85 6.54 0.61 -2.51
C ILE A 85 7.78 1.36 -1.98
N GLN A 86 8.47 2.09 -2.89
CA GLN A 86 9.64 2.91 -2.60
C GLN A 86 9.34 4.04 -1.60
N TYR A 87 8.14 4.66 -1.69
CA TYR A 87 7.70 5.71 -0.77
C TYR A 87 7.27 5.09 0.57
N VAL A 88 6.81 3.83 0.51
CA VAL A 88 6.40 3.00 1.63
C VAL A 88 7.65 2.61 2.40
N VAL A 89 8.77 2.34 1.70
CA VAL A 89 10.03 2.00 2.35
C VAL A 89 10.51 3.21 3.16
N GLU A 90 10.34 4.41 2.59
CA GLU A 90 10.72 5.68 3.20
C GLU A 90 9.82 6.03 4.39
N PHE A 91 8.56 5.54 4.37
CA PHE A 91 7.61 5.71 5.48
C PHE A 91 8.10 4.90 6.68
N ALA A 92 8.38 3.59 6.45
CA ALA A 92 8.92 2.64 7.41
C ALA A 92 10.20 3.19 8.07
N LYS A 93 11.15 3.70 7.28
CA LYS A 93 12.43 4.29 7.77
C LYS A 93 12.20 5.49 8.67
N ARG A 94 11.19 6.32 8.34
CA ARG A 94 10.84 7.51 9.13
C ARG A 94 9.94 7.16 10.32
N LEU A 95 9.39 5.94 10.33
CA LEU A 95 8.50 5.46 11.38
C LEU A 95 9.29 5.12 12.65
N SER A 96 8.88 5.77 13.78
CA SER A 96 9.47 5.63 15.12
C SER A 96 9.43 4.19 15.60
N GLY A 97 10.61 3.67 15.93
CA GLY A 97 10.79 2.31 16.43
C GLY A 97 11.26 1.33 15.38
N PHE A 98 10.95 1.59 14.09
CA PHE A 98 11.29 0.71 12.97
C PHE A 98 12.77 0.51 12.74
N MET A 99 13.56 1.60 12.62
CA MET A 99 15.01 1.50 12.40
C MET A 99 15.79 0.96 13.64
N GLU A 100 15.10 0.84 14.81
CA GLU A 100 15.63 0.30 16.05
C GLU A 100 15.58 -1.25 16.07
N LEU A 101 14.68 -1.83 15.23
CA LEU A 101 14.55 -3.26 15.02
C LEU A 101 15.76 -3.72 14.21
N CYS A 102 16.06 -5.01 14.22
CA CYS A 102 17.20 -5.51 13.46
C CYS A 102 16.88 -5.56 11.95
N GLN A 103 17.92 -5.61 11.10
CA GLN A 103 17.77 -5.64 9.64
C GLN A 103 16.89 -6.78 9.18
N ASN A 104 17.10 -8.01 9.71
CA ASN A 104 16.27 -9.16 9.36
C ASN A 104 14.77 -8.88 9.58
N ASP A 105 14.43 -8.28 10.74
CA ASP A 105 13.06 -7.97 11.09
C ASP A 105 12.47 -6.85 10.24
N GLN A 106 13.26 -5.79 9.96
CA GLN A 106 12.92 -4.66 9.08
C GLN A 106 12.54 -5.17 7.68
N ILE A 107 13.23 -6.23 7.21
CA ILE A 107 13.04 -6.81 5.89
C ILE A 107 11.83 -7.75 5.89
N VAL A 108 11.62 -8.49 6.99
CA VAL A 108 10.46 -9.38 7.15
C VAL A 108 9.17 -8.53 7.10
N LEU A 109 9.21 -7.39 7.79
CA LEU A 109 8.11 -6.45 7.89
C LEU A 109 7.71 -5.82 6.57
N LEU A 110 8.70 -5.27 5.82
CA LEU A 110 8.49 -4.64 4.52
C LEU A 110 8.12 -5.68 3.44
N LYS A 111 8.81 -6.84 3.41
CA LYS A 111 8.55 -7.91 2.43
C LYS A 111 7.13 -8.39 2.50
N ALA A 112 6.57 -8.39 3.70
CA ALA A 112 5.20 -8.82 3.97
C ALA A 112 4.17 -7.65 3.96
N GLY A 113 4.54 -6.48 4.47
CA GLY A 113 3.61 -5.36 4.64
C GLY A 113 3.62 -4.22 3.65
N ALA A 114 4.68 -4.10 2.79
CA ALA A 114 4.79 -3.04 1.81
C ALA A 114 3.62 -2.99 0.85
N MET A 115 3.32 -4.12 0.17
CA MET A 115 2.23 -4.27 -0.80
C MET A 115 0.89 -3.90 -0.16
N GLU A 116 0.65 -4.40 1.08
CA GLU A 116 -0.50 -4.15 1.92
C GLU A 116 -0.61 -2.62 2.19
N VAL A 117 0.51 -1.94 2.54
CA VAL A 117 0.51 -0.49 2.73
C VAL A 117 0.10 0.22 1.45
N VAL A 118 0.57 -0.24 0.26
CA VAL A 118 0.19 0.32 -1.04
C VAL A 118 -1.33 0.14 -1.31
N LEU A 119 -1.88 -1.05 -0.95
CA LEU A 119 -3.30 -1.42 -1.05
C LEU A 119 -4.22 -0.53 -0.22
N VAL A 120 -3.69 0.02 0.90
CA VAL A 120 -4.49 0.90 1.73
C VAL A 120 -4.37 2.31 1.14
N ARG A 121 -3.14 2.76 0.83
CA ARG A 121 -2.82 4.05 0.24
C ARG A 121 -3.55 4.34 -1.09
N MET A 122 -3.83 3.30 -1.90
CA MET A 122 -4.51 3.43 -3.19
C MET A 122 -5.97 3.97 -3.11
N CYS A 123 -6.61 3.91 -1.93
CA CYS A 123 -7.99 4.41 -1.75
C CYS A 123 -8.07 5.94 -1.95
N ARG A 124 -6.94 6.64 -1.71
CA ARG A 124 -6.80 8.09 -1.86
C ARG A 124 -6.83 8.51 -3.34
N ALA A 125 -6.43 7.61 -4.25
CA ALA A 125 -6.35 7.80 -5.70
C ALA A 125 -7.58 7.21 -6.38
N TYR A 126 -8.55 6.79 -5.57
CA TYR A 126 -9.79 6.20 -6.04
C TYR A 126 -10.96 7.19 -5.89
N ASN A 127 -11.88 7.15 -6.86
CA ASN A 127 -13.11 7.95 -6.85
C ASN A 127 -14.28 6.99 -6.81
N ALA A 128 -15.09 7.06 -5.76
CA ALA A 128 -16.23 6.16 -5.58
C ALA A 128 -17.49 6.63 -6.35
N ASP A 129 -17.56 7.93 -6.75
CA ASP A 129 -18.68 8.51 -7.52
C ASP A 129 -18.76 7.85 -8.90
N ASN A 130 -17.67 7.93 -9.70
CA ASN A 130 -17.46 7.19 -10.95
C ASN A 130 -16.41 6.21 -10.47
N ARG A 131 -16.66 4.89 -10.51
CA ARG A 131 -15.71 3.91 -9.94
C ARG A 131 -14.37 3.84 -10.74
N THR A 132 -13.53 4.91 -10.60
CA THR A 132 -12.25 5.16 -11.28
C THR A 132 -11.09 5.33 -10.30
N VAL A 133 -9.87 5.19 -10.83
CA VAL A 133 -8.61 5.24 -10.12
C VAL A 133 -7.66 6.15 -10.94
N PHE A 134 -6.71 6.79 -10.27
CA PHE A 134 -5.74 7.64 -10.94
C PHE A 134 -4.60 6.76 -11.49
N PHE A 135 -4.36 6.88 -12.80
CA PHE A 135 -3.35 6.12 -13.49
C PHE A 135 -2.72 6.96 -14.58
N GLU A 136 -1.38 6.98 -14.64
CA GLU A 136 -0.57 7.67 -15.65
C GLU A 136 -1.09 9.08 -16.08
N GLY A 137 -1.58 9.84 -15.08
CA GLY A 137 -2.03 11.22 -15.28
C GLY A 137 -3.51 11.51 -15.31
N LYS A 138 -4.35 10.50 -15.52
CA LYS A 138 -5.81 10.67 -15.60
C LYS A 138 -6.56 9.57 -14.81
N TYR A 139 -7.89 9.68 -14.74
CA TYR A 139 -8.74 8.71 -14.08
C TYR A 139 -9.37 7.79 -15.13
N GLY A 140 -9.59 6.54 -14.75
CA GLY A 140 -10.22 5.53 -15.58
C GLY A 140 -10.68 4.37 -14.73
N GLY A 141 -11.71 3.66 -15.21
CA GLY A 141 -12.28 2.52 -14.52
C GLY A 141 -11.52 1.24 -14.76
N MET A 142 -12.01 0.13 -14.19
CA MET A 142 -11.46 -1.22 -14.30
C MET A 142 -11.01 -1.62 -15.71
N GLU A 143 -11.87 -1.32 -16.73
CA GLU A 143 -11.69 -1.66 -18.16
C GLU A 143 -10.34 -1.21 -18.72
N LEU A 144 -9.75 -0.15 -18.14
CA LEU A 144 -8.43 0.38 -18.49
C LEU A 144 -7.30 -0.68 -18.43
N PHE A 145 -7.44 -1.68 -17.54
CA PHE A 145 -6.44 -2.73 -17.28
C PHE A 145 -6.79 -4.11 -17.89
N ARG A 146 -7.79 -4.17 -18.80
CA ARG A 146 -8.26 -5.40 -19.49
C ARG A 146 -7.14 -6.24 -20.12
N ALA A 147 -6.10 -5.58 -20.66
CA ALA A 147 -4.95 -6.22 -21.29
C ALA A 147 -4.04 -7.04 -20.34
N LEU A 148 -4.14 -6.86 -19.00
CA LEU A 148 -3.32 -7.58 -18.01
C LEU A 148 -3.71 -9.04 -17.92
N GLY A 149 -5.00 -9.31 -18.15
CA GLY A 149 -5.58 -10.65 -18.04
C GLY A 149 -5.56 -11.11 -16.60
N CYS A 150 -6.05 -10.23 -15.69
CA CYS A 150 -6.11 -10.43 -14.24
C CYS A 150 -7.52 -10.63 -13.81
N SER A 151 -8.37 -9.65 -14.22
CA SER A 151 -9.82 -9.54 -14.03
C SER A 151 -10.27 -9.64 -12.59
N GLU A 152 -10.12 -10.84 -11.99
CA GLU A 152 -10.43 -11.13 -10.60
C GLU A 152 -9.59 -10.24 -9.68
N LEU A 153 -8.28 -10.11 -9.95
CA LEU A 153 -7.36 -9.28 -9.18
C LEU A 153 -7.74 -7.79 -9.29
N ILE A 154 -8.03 -7.29 -10.50
CA ILE A 154 -8.40 -5.90 -10.73
C ILE A 154 -9.70 -5.58 -10.01
N SER A 155 -10.69 -6.49 -10.10
CA SER A 155 -11.98 -6.41 -9.41
C SER A 155 -11.71 -6.28 -7.92
N SER A 156 -10.96 -7.25 -7.34
CA SER A 156 -10.62 -7.31 -5.91
C SER A 156 -10.03 -5.99 -5.39
N ILE A 157 -9.05 -5.41 -6.12
CA ILE A 157 -8.40 -4.13 -5.82
C ILE A 157 -9.43 -2.99 -5.85
N PHE A 158 -10.37 -3.03 -6.80
CA PHE A 158 -11.39 -2.01 -6.99
C PHE A 158 -12.41 -2.07 -5.87
N ASP A 159 -12.82 -3.30 -5.48
CA ASP A 159 -13.76 -3.58 -4.39
C ASP A 159 -13.16 -3.16 -3.07
N PHE A 160 -11.87 -3.47 -2.87
CA PHE A 160 -11.15 -3.13 -1.66
C PHE A 160 -11.09 -1.64 -1.47
N SER A 161 -10.71 -0.91 -2.52
CA SER A 161 -10.63 0.55 -2.55
C SER A 161 -12.00 1.17 -2.28
N HIS A 162 -13.06 0.55 -2.82
CA HIS A 162 -14.44 0.97 -2.66
C HIS A 162 -14.90 0.87 -1.20
N SER A 163 -14.57 -0.24 -0.56
CA SER A 163 -14.90 -0.52 0.83
C SER A 163 -14.16 0.40 1.81
N LEU A 164 -12.94 0.88 1.45
CA LEU A 164 -12.16 1.80 2.31
C LEU A 164 -12.65 3.22 2.14
N SER A 165 -13.22 3.53 0.95
CA SER A 165 -13.79 4.83 0.58
C SER A 165 -15.04 5.08 1.38
N ALA A 166 -15.79 4.00 1.66
CA ALA A 166 -17.01 4.00 2.44
C ALA A 166 -16.72 4.50 3.85
N LEU A 167 -15.51 4.17 4.39
CA LEU A 167 -15.02 4.55 5.73
C LEU A 167 -14.71 6.03 5.88
N HIS A 168 -14.57 6.78 4.77
CA HIS A 168 -14.28 8.23 4.76
C HIS A 168 -13.10 8.62 5.62
N PHE A 169 -12.04 7.82 5.57
CA PHE A 169 -10.79 8.01 6.33
C PHE A 169 -10.23 9.42 6.20
N SER A 170 -9.72 9.95 7.32
CA SER A 170 -8.94 11.19 7.32
C SER A 170 -7.47 10.74 7.09
N GLU A 171 -6.60 11.65 6.62
CA GLU A 171 -5.18 11.34 6.41
C GLU A 171 -4.49 10.77 7.67
N ASP A 172 -4.73 11.38 8.85
CA ASP A 172 -4.23 10.91 10.15
C ASP A 172 -4.63 9.44 10.40
N GLU A 173 -5.85 9.05 9.98
CA GLU A 173 -6.37 7.70 10.15
C GLU A 173 -5.67 6.69 9.26
N ILE A 174 -5.36 7.08 7.99
CA ILE A 174 -4.65 6.22 7.06
C ILE A 174 -3.22 6.07 7.60
N ALA A 175 -2.62 7.18 8.10
CA ALA A 175 -1.28 7.21 8.73
C ALA A 175 -1.16 6.17 9.84
N LEU A 176 -2.08 6.25 10.82
CA LEU A 176 -2.13 5.39 11.97
C LEU A 176 -2.44 3.95 11.61
N TYR A 177 -3.38 3.74 10.69
CA TYR A 177 -3.74 2.41 10.23
C TYR A 177 -2.61 1.69 9.45
N THR A 178 -1.96 2.39 8.47
CA THR A 178 -0.88 1.85 7.64
C THR A 178 0.37 1.53 8.48
N ALA A 179 0.67 2.35 9.53
CA ALA A 179 1.75 2.06 10.47
C ALA A 179 1.50 0.72 11.15
N LEU A 180 0.23 0.43 11.51
CA LEU A 180 -0.13 -0.84 12.15
C LEU A 180 -0.12 -2.04 11.18
N VAL A 181 -0.40 -1.80 9.88
CA VAL A 181 -0.38 -2.83 8.82
C VAL A 181 1.05 -3.38 8.70
N LEU A 182 2.03 -2.47 8.72
CA LEU A 182 3.45 -2.71 8.61
C LEU A 182 4.01 -3.27 9.93
N ILE A 183 3.74 -2.59 11.06
CA ILE A 183 4.22 -3.11 12.35
C ILE A 183 3.28 -4.25 12.82
N ASN A 184 3.54 -5.45 12.30
CA ASN A 184 2.79 -6.66 12.60
C ASN A 184 3.72 -7.66 13.28
N ALA A 185 3.47 -7.94 14.58
CA ALA A 185 4.26 -8.86 15.41
C ALA A 185 4.06 -10.35 15.06
N HIS A 186 2.99 -10.64 14.29
CA HIS A 186 2.62 -11.99 13.85
C HIS A 186 3.30 -12.43 12.55
N ARG A 187 4.15 -11.57 11.95
CA ARG A 187 4.85 -11.91 10.71
C ARG A 187 5.84 -13.05 10.92
N PRO A 188 5.64 -14.18 10.20
CA PRO A 188 6.59 -15.31 10.32
C PRO A 188 8.02 -14.92 9.96
N GLY A 189 8.96 -15.31 10.81
CA GLY A 189 10.37 -15.05 10.56
C GLY A 189 10.98 -13.90 11.35
N LEU A 190 10.20 -13.36 12.32
CA LEU A 190 10.66 -12.29 13.21
C LEU A 190 11.59 -12.88 14.28
N GLN A 191 12.80 -12.32 14.38
CA GLN A 191 13.84 -12.72 15.35
C GLN A 191 13.59 -12.14 16.74
N GLU A 192 13.13 -10.88 16.79
CA GLU A 192 12.83 -10.20 18.05
C GLU A 192 11.35 -9.83 18.02
N LYS A 193 10.51 -10.86 18.23
CA LYS A 193 9.05 -10.79 18.20
C LYS A 193 8.49 -9.82 19.26
N ARG A 194 9.02 -9.88 20.50
CA ARG A 194 8.62 -9.02 21.64
C ARG A 194 8.85 -7.54 21.35
N LYS A 195 9.98 -7.21 20.73
CA LYS A 195 10.37 -5.86 20.34
C LYS A 195 9.38 -5.25 19.32
N VAL A 196 8.86 -6.11 18.39
CA VAL A 196 7.85 -5.69 17.39
C VAL A 196 6.51 -5.56 18.10
N GLU A 197 6.20 -6.51 19.02
CA GLU A 197 4.98 -6.58 19.85
C GLU A 197 4.78 -5.29 20.67
N GLN A 198 5.88 -4.80 21.31
CA GLN A 198 5.88 -3.58 22.12
C GLN A 198 5.55 -2.39 21.24
N LEU A 199 6.18 -2.30 20.05
CA LEU A 199 5.97 -1.25 19.06
C LEU A 199 4.55 -1.26 18.50
N GLN A 200 4.04 -2.45 18.11
CA GLN A 200 2.67 -2.65 17.66
C GLN A 200 1.64 -2.19 18.72
N TYR A 201 1.91 -2.46 20.02
CA TYR A 201 1.05 -2.08 21.14
C TYR A 201 1.00 -0.57 21.28
N ASN A 202 2.17 0.07 21.19
CA ASN A 202 2.27 1.52 21.27
C ASN A 202 1.48 2.18 20.15
N LEU A 203 1.64 1.65 18.93
CA LEU A 203 0.92 2.12 17.75
C LEU A 203 -0.58 1.82 17.84
N GLU A 204 -0.95 0.73 18.52
CA GLU A 204 -2.36 0.42 18.76
C GLU A 204 -2.98 1.41 19.73
N LEU A 205 -2.26 1.75 20.84
CA LEU A 205 -2.68 2.75 21.83
C LEU A 205 -2.92 4.08 21.13
N ALA A 206 -1.92 4.54 20.32
CA ALA A 206 -1.95 5.79 19.54
C ALA A 206 -3.18 5.87 18.61
N PHE A 207 -3.40 4.81 17.82
CA PHE A 207 -4.52 4.71 16.88
C PHE A 207 -5.86 4.81 17.60
N HIS A 208 -6.08 3.96 18.60
CA HIS A 208 -7.31 3.92 19.37
C HIS A 208 -7.51 5.21 20.16
N HIS A 209 -6.42 5.77 20.74
CA HIS A 209 -6.51 7.04 21.48
C HIS A 209 -7.03 8.15 20.56
N HIS A 210 -6.45 8.26 19.36
CA HIS A 210 -6.88 9.22 18.34
C HIS A 210 -8.35 9.01 17.91
N LEU A 211 -8.78 7.74 17.76
CA LEU A 211 -10.14 7.38 17.38
C LEU A 211 -11.13 7.80 18.45
N CYS A 212 -10.74 7.59 19.71
CA CYS A 212 -11.48 7.92 20.90
C CYS A 212 -11.68 9.45 20.96
N LYS A 213 -10.57 10.21 20.87
CA LYS A 213 -10.55 11.67 20.93
C LYS A 213 -11.46 12.29 19.87
N THR A 214 -11.29 11.86 18.60
CA THR A 214 -12.03 12.33 17.44
C THR A 214 -13.46 11.79 17.34
N HIS A 215 -13.86 10.86 18.24
CA HIS A 215 -15.19 10.20 18.24
C HIS A 215 -15.40 9.43 16.92
N ARG A 216 -14.45 8.51 16.64
CA ARG A 216 -14.38 7.69 15.43
C ARG A 216 -14.10 6.21 15.72
N GLN A 217 -14.35 5.75 16.98
CA GLN A 217 -14.19 4.35 17.38
C GLN A 217 -15.16 3.45 16.58
N SER A 218 -16.13 4.08 15.87
CA SER A 218 -17.15 3.43 15.03
C SER A 218 -16.48 2.59 13.91
N ILE A 219 -15.49 3.18 13.20
CA ILE A 219 -14.74 2.56 12.11
C ILE A 219 -14.05 1.25 12.53
N LEU A 220 -13.80 1.04 13.84
CA LEU A 220 -13.09 -0.13 14.33
C LEU A 220 -13.67 -1.45 13.87
N ALA A 221 -15.02 -1.56 13.90
CA ALA A 221 -15.76 -2.74 13.49
C ALA A 221 -15.82 -2.89 11.99
N LYS A 222 -15.70 -1.76 11.27
CA LYS A 222 -15.80 -1.66 9.83
C LYS A 222 -14.45 -1.79 9.06
N LEU A 223 -13.30 -1.75 9.77
CA LEU A 223 -11.96 -1.93 9.15
C LEU A 223 -11.90 -3.34 8.50
N PRO A 224 -11.19 -3.51 7.37
CA PRO A 224 -11.16 -4.83 6.72
C PRO A 224 -10.62 -5.97 7.58
N PRO A 225 -11.11 -7.21 7.40
CA PRO A 225 -10.52 -8.34 8.16
C PRO A 225 -9.05 -8.57 7.72
N LYS A 226 -8.13 -8.92 8.66
CA LYS A 226 -6.68 -9.10 8.37
C LYS A 226 -6.37 -10.10 7.21
N GLY A 227 -7.27 -11.06 6.99
CA GLY A 227 -7.16 -12.04 5.92
C GLY A 227 -7.46 -11.53 4.52
N LYS A 228 -8.12 -10.34 4.41
CA LYS A 228 -8.46 -9.72 3.13
C LYS A 228 -7.21 -9.16 2.42
N LEU A 229 -6.35 -8.45 3.17
CA LEU A 229 -5.09 -7.88 2.66
C LEU A 229 -4.14 -9.00 2.27
N ARG A 230 -4.18 -10.11 3.01
CA ARG A 230 -3.39 -11.30 2.75
C ARG A 230 -3.84 -11.95 1.42
N SER A 231 -5.18 -12.05 1.20
CA SER A 231 -5.81 -12.63 -0.01
C SER A 231 -5.41 -11.85 -1.29
N LEU A 232 -5.40 -10.50 -1.19
CA LEU A 232 -5.05 -9.60 -2.29
C LEU A 232 -3.59 -9.77 -2.70
N CYS A 233 -2.67 -9.74 -1.72
CA CYS A 233 -1.24 -9.95 -1.92
C CYS A 233 -0.93 -11.31 -2.47
N SER A 234 -1.71 -12.32 -2.05
CA SER A 234 -1.56 -13.70 -2.55
C SER A 234 -1.96 -13.79 -4.03
N GLN A 235 -3.11 -13.15 -4.40
CA GLN A 235 -3.63 -13.10 -5.77
C GLN A 235 -2.60 -12.43 -6.69
N HIS A 236 -1.96 -11.35 -6.18
CA HIS A 236 -0.92 -10.63 -6.91
C HIS A 236 0.24 -11.61 -7.26
N VAL A 237 0.77 -12.34 -6.25
CA VAL A 237 1.85 -13.31 -6.41
C VAL A 237 1.43 -14.44 -7.37
N GLU A 238 0.16 -14.91 -7.29
CA GLU A 238 -0.35 -15.94 -8.21
C GLU A 238 -0.49 -15.43 -9.66
N ARG A 239 -1.05 -14.22 -9.88
CA ARG A 239 -1.18 -13.68 -11.25
C ARG A 239 0.17 -13.35 -11.91
N LEU A 240 1.19 -13.08 -11.07
CA LEU A 240 2.56 -12.80 -11.49
C LEU A 240 3.25 -14.08 -11.94
N GLN A 241 3.18 -15.16 -11.15
CA GLN A 241 3.80 -16.44 -11.52
C GLN A 241 3.24 -16.95 -12.86
N ILE A 242 1.93 -16.70 -13.14
CA ILE A 242 1.27 -17.02 -14.40
C ILE A 242 1.93 -16.22 -15.54
N PHE A 243 2.05 -14.88 -15.37
CA PHE A 243 2.66 -13.99 -16.34
C PHE A 243 4.13 -14.33 -16.59
N GLN A 244 4.93 -14.50 -15.51
CA GLN A 244 6.36 -14.84 -15.52
C GLN A 244 6.61 -16.12 -16.29
N HIS A 245 5.68 -17.10 -16.20
CA HIS A 245 5.78 -18.40 -16.87
C HIS A 245 5.65 -18.24 -18.39
N LEU A 246 4.83 -17.27 -18.84
CA LEU A 246 4.60 -16.98 -20.26
C LEU A 246 5.58 -15.98 -20.88
N HIS A 247 6.17 -15.10 -20.05
CA HIS A 247 7.09 -14.04 -20.46
C HIS A 247 8.28 -13.96 -19.49
N PRO A 248 9.10 -15.05 -19.37
CA PRO A 248 10.22 -15.05 -18.41
C PRO A 248 11.28 -14.00 -18.64
N ILE A 249 11.58 -13.71 -19.91
CA ILE A 249 12.60 -12.73 -20.27
C ILE A 249 12.09 -11.33 -20.04
N VAL A 250 10.80 -11.04 -20.28
CA VAL A 250 10.19 -9.72 -19.99
C VAL A 250 10.41 -9.38 -18.51
N VAL A 251 10.23 -10.36 -17.61
CA VAL A 251 10.43 -10.20 -16.16
C VAL A 251 11.92 -10.01 -15.80
N GLN A 252 12.82 -10.81 -16.39
CA GLN A 252 14.27 -10.67 -16.13
C GLN A 252 14.81 -9.35 -16.64
N ALA A 253 14.40 -8.96 -17.86
CA ALA A 253 14.91 -7.78 -18.55
C ALA A 253 14.18 -6.46 -18.32
N ALA A 254 12.83 -6.46 -18.30
CA ALA A 254 12.09 -5.20 -18.20
C ALA A 254 11.37 -4.93 -16.86
N PHE A 255 11.36 -5.88 -15.90
CA PHE A 255 10.70 -5.70 -14.59
C PHE A 255 11.65 -5.09 -13.54
N PRO A 256 11.18 -4.19 -12.65
CA PRO A 256 12.13 -3.56 -11.69
C PRO A 256 12.74 -4.52 -10.66
N PRO A 257 14.06 -4.34 -10.40
CA PRO A 257 14.76 -5.20 -9.40
C PRO A 257 14.04 -5.34 -8.06
N LEU A 258 13.56 -4.20 -7.49
CA LEU A 258 12.86 -4.21 -6.19
C LEU A 258 11.54 -4.99 -6.23
N TYR A 259 10.80 -4.95 -7.38
CA TYR A 259 9.57 -5.73 -7.61
C TYR A 259 9.94 -7.22 -7.65
N LYS A 260 10.96 -7.61 -8.46
CA LYS A 260 11.40 -9.01 -8.53
C LYS A 260 11.78 -9.57 -7.13
N GLU A 261 12.42 -8.74 -6.31
CA GLU A 261 12.86 -9.08 -4.96
C GLU A 261 11.68 -9.43 -4.03
N LEU A 262 10.68 -8.53 -3.95
CA LEU A 262 9.50 -8.72 -3.11
C LEU A 262 8.52 -9.76 -3.63
N PHE A 263 8.40 -9.93 -4.96
CA PHE A 263 7.35 -10.80 -5.48
C PHE A 263 7.78 -12.01 -6.35
N SER A 264 9.01 -12.05 -6.93
CA SER A 264 9.42 -13.22 -7.74
C SER A 264 10.01 -14.29 -6.87
N LYS A 277 19.39 -7.48 -3.53
CA LYS A 277 19.23 -7.07 -2.14
C LYS A 277 19.04 -5.55 -2.05
N ILE A 278 18.09 -5.00 -2.87
CA ILE A 278 17.72 -3.56 -3.00
C ILE A 278 17.27 -3.00 -1.67
N LEU A 279 16.48 -3.79 -0.91
CA LEU A 279 15.97 -3.44 0.42
C LEU A 279 17.11 -3.10 1.40
N HIS A 280 18.17 -3.95 1.45
CA HIS A 280 19.35 -3.79 2.31
C HIS A 280 20.06 -2.45 2.07
N ARG A 281 20.05 -1.98 0.79
CA ARG A 281 20.62 -0.73 0.30
C ARG A 281 19.69 0.47 0.57
N LEU A 282 18.37 0.31 0.30
CA LEU A 282 17.35 1.35 0.52
C LEU A 282 17.25 1.70 2.02
N LEU A 283 17.36 0.66 2.87
CA LEU A 283 17.29 0.80 4.32
C LEU A 283 18.55 1.44 4.90
N GLN A 284 19.69 1.24 4.23
CA GLN A 284 20.97 1.81 4.64
C GLN A 284 21.26 3.13 3.89
N GLU A 285 20.38 4.14 4.07
CA GLU A 285 20.50 5.46 3.44
C GLU A 285 20.15 6.58 4.43
C1 O5B B . 0.38 1.47 -8.56
C2 O5B B . 0.34 2.03 -7.12
N3 O5B B . -1.08 2.42 -6.97
C4 O5B B . -1.90 1.35 -7.55
C5 O5B B . -1.03 0.86 -8.77
C6 O5B B . -2.26 0.27 -6.53
C7 O5B B . -2.74 -1.01 -7.21
C8 O5B B . -1.78 -1.52 -8.25
C9 O5B B . -0.93 -0.65 -8.97
C10 O5B B . -1.73 -2.89 -8.52
C11 O5B B . -0.87 -3.43 -9.48
C12 O5B B . -0.03 -2.56 -10.15
C13 O5B B . -0.06 -1.20 -9.90
C14 O5B B . -0.89 -4.93 -9.79
S15 O5B B . -1.83 1.42 -10.33
C16 O5B B . -3.26 0.40 -10.48
C17 O5B B . -3.17 -0.81 -11.15
C18 O5B B . -4.29 -1.63 -11.22
C19 O5B B . -5.56 0.00 -9.97
C20 O5B B . -4.46 0.82 -9.89
C21 O5B B . -5.45 -1.21 -10.63
F22 O5B B . -6.54 -2.01 -10.68
O23 O5B B . -0.94 1.12 -11.42
O24 O5B B . -2.26 2.77 -10.14
C25 O5B B . 0.44 -5.47 -10.41
C26 O5B B . -2.12 -5.29 -10.68
F27 O5B B . -1.08 -5.66 -8.64
F28 O5B B . -2.14 -4.57 -11.80
F29 O5B B . -2.10 -6.57 -11.04
F30 O5B B . -3.27 -5.07 -10.05
F31 O5B B . 1.52 -5.00 -9.78
F32 O5B B . 0.57 -5.15 -11.70
F33 O5B B . 0.48 -6.81 -10.33
C34 O5B B . -1.69 3.49 -6.41
C35 O5B B . -0.83 4.55 -5.72
O36 O5B B . -2.89 3.61 -6.46
C37 O5B B . -1.67 5.80 -5.42
C38 O5B B . -0.85 6.87 -4.68
C39 O5B B . -0.27 6.31 -3.37
C40 O5B B . 0.57 5.06 -3.66
C41 O5B B . -0.26 3.99 -4.40
C42 O5B B . 0.49 7.35 -2.56
O43 O5B B . 1.58 6.91 -1.99
O44 O5B B . 0.11 8.51 -2.46
C1 GOL C . -0.18 7.27 -10.18
O1 GOL C . -1.48 6.71 -10.06
C2 GOL C . 0.83 6.23 -10.57
O2 GOL C . 0.74 5.09 -9.70
C3 GOL C . 0.67 5.80 -12.02
O3 GOL C . -0.38 4.85 -12.16
#